data_5K0R
#
_entry.id   5K0R
#
_cell.length_a   52.220
_cell.length_b   54.780
_cell.length_c   103.230
_cell.angle_alpha   90.00
_cell.angle_beta   90.00
_cell.angle_gamma   90.00
#
_symmetry.space_group_name_H-M   'P 21 21 21'
#
loop_
_entity.id
_entity.type
_entity.pdbx_description
1 polymer 'NAD(P)H:flavin oxidoreductase Sye4'
2 non-polymer 1-DEOXY-1-(7,8-DIMETHYL-2,4-DIOXO-3,4-DIHYDRO-2H-BENZO[G]PTERIDIN-1-ID-10(5H)-YL)-5-O-PHOSPHONATO-D-RIBITOL
3 non-polymer Octadecane
4 water water
#
_entity_poly.entity_id   1
_entity_poly.type   'polypeptide(L)'
_entity_poly.pdbx_seq_one_letter_code
;MTIENTVNSVENLFDTYKLNDTITLKNRILMAPLTRCMADANLVPTDDMVAYYARRAEAGLIISEATIIRPDAQGYPNTP
GIFTQAQIAGWRKVTDAVHANGGKIFVQLWHTGRVAHPHFFGGGDVLAPSAQKIEGSVPRMRELTYVTPKAVTVEDIQGL
VRDYAKAAENVIEAGFDGVEIHGANGYLIDQFLHHDSNRRTDEYGGTPVNMSRFALEVVDAIIARIGHDRTGLRISPGAY
FNMASDSRDRVVFDYLLPELEKRDLAFVHIGIFDDSIEFDYLGGTASSYVRAHYGKTLVGVGSYSAETASKAIAEDKFDL
IAIGRPFIANPDYVAKVRNSEELVAYSDEMLASLI
;
_entity_poly.pdbx_strand_id   A
#
loop_
_chem_comp.id
_chem_comp.type
_chem_comp.name
_chem_comp.formula
8K6 non-polymer Octadecane 'C18 H38'
FNR non-polymer 1-DEOXY-1-(7,8-DIMETHYL-2,4-DIOXO-3,4-DIHYDRO-2H-BENZO[G]PTERIDIN-1-ID-10(5H)-YL)-5-O-PHOSPHONATO-D-RIBITOL 'C17 H23 N4 O9 P'
#
# COMPACT_ATOMS: atom_id res chain seq x y z
N SER A 9 2.69 26.55 12.96
CA SER A 9 2.44 25.54 13.97
C SER A 9 1.71 24.34 13.37
N VAL A 10 2.12 23.15 13.78
CA VAL A 10 1.54 21.93 13.25
C VAL A 10 0.96 21.09 14.39
N GLU A 11 0.39 21.78 15.37
CA GLU A 11 -0.17 21.12 16.54
C GLU A 11 -1.19 20.04 16.19
N ASN A 12 -1.97 20.27 15.14
CA ASN A 12 -3.04 19.34 14.78
C ASN A 12 -2.51 17.96 14.35
N LEU A 13 -1.23 17.88 13.95
CA LEU A 13 -0.63 16.60 13.59
C LEU A 13 -0.54 15.69 14.80
N PHE A 14 -0.61 16.26 15.99
CA PHE A 14 -0.47 15.48 17.21
C PHE A 14 -1.80 15.25 17.91
N ASP A 15 -2.90 15.57 17.23
CA ASP A 15 -4.23 15.21 17.74
C ASP A 15 -4.35 13.70 17.81
N THR A 16 -5.00 13.20 18.85
CA THR A 16 -5.47 11.83 18.87
C THR A 16 -6.48 11.67 17.75
N TYR A 17 -6.45 10.54 17.05
CA TYR A 17 -7.40 10.29 15.98
C TYR A 17 -8.06 8.93 16.16
N LYS A 18 -9.36 8.93 16.41
CA LYS A 18 -10.09 7.68 16.52
C LYS A 18 -10.43 7.16 15.13
N LEU A 19 -9.74 6.10 14.72
CA LEU A 19 -10.03 5.47 13.44
C LEU A 19 -11.38 4.83 13.47
N ASN A 20 -11.68 4.17 14.58
CA ASN A 20 -12.91 3.42 14.72
C ASN A 20 -12.99 2.89 16.14
N ASP A 21 -13.97 2.06 16.43
CA ASP A 21 -14.18 1.55 17.77
C ASP A 21 -13.05 0.65 18.28
N THR A 22 -12.25 0.11 17.36
CA THR A 22 -11.19 -0.82 17.71
C THR A 22 -9.84 -0.13 17.88
N ILE A 23 -9.59 0.90 17.08
CA ILE A 23 -8.27 1.51 17.02
C ILE A 23 -8.30 3.03 17.15
N THR A 24 -7.51 3.54 18.10
CA THR A 24 -7.26 4.96 18.21
C THR A 24 -5.77 5.21 18.04
N LEU A 25 -5.44 6.19 17.20
CA LEU A 25 -4.05 6.56 16.93
C LEU A 25 -3.62 7.72 17.82
N LYS A 26 -2.39 7.68 18.32
CA LYS A 26 -1.90 8.69 19.25
CA LYS A 26 -1.91 8.70 19.26
C LYS A 26 -1.56 10.01 18.56
N ASN A 27 -1.39 9.97 17.23
CA ASN A 27 -1.22 11.18 16.44
C ASN A 27 -1.64 10.90 14.99
N ARG A 28 -1.63 11.93 14.13
CA ARG A 28 -2.11 11.80 12.76
C ARG A 28 -1.02 11.39 11.77
N ILE A 29 0.17 11.12 12.27
CA ILE A 29 1.32 10.86 11.40
C ILE A 29 1.48 9.36 11.16
N LEU A 30 1.42 8.96 9.89
CA LEU A 30 1.63 7.58 9.49
C LEU A 30 3.00 7.43 8.83
N MET A 31 3.65 6.29 9.06
CA MET A 31 4.81 5.96 8.25
C MET A 31 4.26 5.30 6.99
N ALA A 32 4.54 5.90 5.84
CA ALA A 32 4.08 5.39 4.56
C ALA A 32 4.73 4.02 4.28
N PRO A 33 4.05 3.17 3.51
CA PRO A 33 4.68 1.91 3.14
C PRO A 33 5.88 2.16 2.23
N LEU A 34 7.00 1.51 2.52
CA LEU A 34 8.25 1.75 1.79
C LEU A 34 9.00 0.45 1.60
N THR A 35 8.97 -0.09 0.39
CA THR A 35 9.74 -1.27 0.02
C THR A 35 11.22 -0.98 0.21
N ARG A 36 11.90 -1.87 0.94
CA ARG A 36 13.31 -1.70 1.20
C ARG A 36 14.17 -2.86 0.68
N CYS A 37 13.55 -3.98 0.34
CA CYS A 37 14.27 -5.11 -0.26
C CYS A 37 15.40 -5.65 0.62
N MET A 38 15.10 -5.86 1.90
CA MET A 38 16.13 -6.34 2.81
CA MET A 38 16.09 -6.26 2.91
C MET A 38 15.68 -7.50 3.67
N ALA A 39 14.61 -8.18 3.25
CA ALA A 39 14.20 -9.42 3.90
C ALA A 39 15.21 -10.51 3.53
N ASP A 40 15.20 -11.61 4.28
CA ASP A 40 16.15 -12.68 4.04
C ASP A 40 15.76 -13.57 2.85
N ALA A 41 16.59 -14.57 2.54
CA ALA A 41 16.36 -15.43 1.39
C ALA A 41 15.03 -16.18 1.43
N ASN A 42 14.47 -16.34 2.63
CA ASN A 42 13.18 -17.00 2.79
C ASN A 42 12.05 -15.97 2.83
N LEU A 43 12.39 -14.73 2.52
CA LEU A 43 11.46 -13.60 2.55
C LEU A 43 10.88 -13.37 3.95
N VAL A 44 11.69 -13.69 4.96
CA VAL A 44 11.36 -13.45 6.35
C VAL A 44 11.96 -12.14 6.84
N PRO A 45 11.16 -11.33 7.53
CA PRO A 45 11.69 -10.11 8.16
C PRO A 45 12.89 -10.42 9.02
N THR A 46 13.93 -9.61 8.89
CA THR A 46 15.15 -9.79 9.66
C THR A 46 15.11 -9.00 10.96
N ASP A 47 16.05 -9.31 11.85
CA ASP A 47 16.18 -8.55 13.09
C ASP A 47 16.58 -7.10 12.83
N ASP A 48 17.25 -6.83 11.71
CA ASP A 48 17.53 -5.44 11.35
C ASP A 48 16.23 -4.71 11.00
N MET A 49 15.32 -5.42 10.33
CA MET A 49 14.01 -4.86 10.01
C MET A 49 13.19 -4.61 11.28
N VAL A 50 13.26 -5.53 12.24
CA VAL A 50 12.60 -5.32 13.52
C VAL A 50 13.05 -3.99 14.13
N ALA A 51 14.36 -3.77 14.19
CA ALA A 51 14.89 -2.55 14.79
C ALA A 51 14.48 -1.28 14.01
N TYR A 52 14.47 -1.39 12.69
CA TYR A 52 14.08 -0.31 11.79
C TYR A 52 12.67 0.18 12.04
N TYR A 53 11.72 -0.76 12.14
CA TYR A 53 10.35 -0.41 12.42
C TYR A 53 10.19 0.07 13.87
N ALA A 54 10.85 -0.61 14.80
CA ALA A 54 10.70 -0.30 16.21
C ALA A 54 11.10 1.15 16.51
N ARG A 55 12.11 1.67 15.82
CA ARG A 55 12.57 3.02 16.13
C ARG A 55 11.67 4.10 15.52
N ARG A 56 10.66 3.69 14.77
CA ARG A 56 9.70 4.64 14.21
C ARG A 56 8.32 4.55 14.85
N ALA A 57 8.27 3.90 16.02
CA ALA A 57 7.02 3.67 16.73
C ALA A 57 6.37 4.92 17.35
N GLU A 58 7.00 6.08 17.26
CA GLU A 58 6.39 7.36 17.63
CA GLU A 58 6.33 7.30 17.68
C GLU A 58 5.28 7.72 16.65
N ALA A 59 5.33 7.12 15.47
CA ALA A 59 4.28 7.34 14.49
C ALA A 59 2.95 6.85 15.05
N GLY A 60 1.88 7.56 14.73
CA GLY A 60 0.55 7.12 15.14
C GLY A 60 0.22 5.74 14.59
N LEU A 61 0.70 5.48 13.38
CA LEU A 61 0.53 4.17 12.76
C LEU A 61 1.62 3.97 11.72
N ILE A 62 2.22 2.79 11.73
CA ILE A 62 3.15 2.40 10.69
C ILE A 62 2.45 1.52 9.69
N ILE A 63 2.59 1.82 8.41
CA ILE A 63 2.20 0.90 7.36
CA ILE A 63 2.20 0.88 7.38
C ILE A 63 3.48 0.22 6.90
N SER A 64 3.54 -1.10 7.01
CA SER A 64 4.74 -1.82 6.60
C SER A 64 5.01 -1.68 5.11
N GLU A 65 6.24 -1.98 4.73
CA GLU A 65 6.57 -2.22 3.34
C GLU A 65 5.62 -3.25 2.72
N ALA A 66 5.40 -3.14 1.42
CA ALA A 66 4.55 -4.08 0.70
C ALA A 66 5.07 -5.50 0.94
N THR A 67 4.15 -6.38 1.32
CA THR A 67 4.45 -7.73 1.76
C THR A 67 3.64 -8.73 0.91
N ILE A 68 4.34 -9.62 0.22
CA ILE A 68 3.68 -10.47 -0.77
C ILE A 68 2.81 -11.57 -0.17
N ILE A 69 1.70 -11.86 -0.85
CA ILE A 69 0.73 -12.83 -0.33
C ILE A 69 1.06 -14.26 -0.74
N ARG A 70 1.89 -14.43 -1.75
CA ARG A 70 2.30 -15.75 -2.23
C ARG A 70 3.46 -15.60 -3.23
N PRO A 71 4.15 -16.69 -3.58
CA PRO A 71 5.38 -16.55 -4.35
C PRO A 71 5.26 -15.82 -5.71
N ASP A 72 4.20 -16.05 -6.48
CA ASP A 72 4.11 -15.43 -7.80
C ASP A 72 3.72 -13.95 -7.76
N ALA A 73 3.69 -13.39 -6.55
CA ALA A 73 3.55 -11.94 -6.36
C ALA A 73 4.90 -11.23 -6.37
N GLN A 74 6.00 -11.97 -6.33
CA GLN A 74 7.29 -11.31 -6.14
C GLN A 74 7.82 -10.67 -7.42
N GLY A 75 8.15 -9.38 -7.34
CA GLY A 75 8.69 -8.64 -8.47
C GLY A 75 9.99 -7.90 -8.19
N TYR A 76 10.45 -7.94 -6.94
CA TYR A 76 11.68 -7.26 -6.55
C TYR A 76 12.42 -8.15 -5.57
N PRO A 77 13.74 -7.98 -5.45
CA PRO A 77 14.49 -8.87 -4.56
C PRO A 77 14.18 -8.64 -3.08
N ASN A 78 14.14 -9.72 -2.31
CA ASN A 78 14.17 -9.63 -0.85
C ASN A 78 12.97 -8.89 -0.29
N THR A 79 11.82 -8.96 -0.95
CA THR A 79 10.61 -8.38 -0.41
C THR A 79 9.91 -9.41 0.47
N PRO A 80 9.58 -9.02 1.71
CA PRO A 80 9.05 -10.02 2.64
C PRO A 80 7.68 -10.56 2.23
N GLY A 81 7.38 -11.78 2.68
CA GLY A 81 6.08 -12.38 2.48
C GLY A 81 5.38 -12.61 3.81
N ILE A 82 4.13 -13.06 3.74
CA ILE A 82 3.42 -13.48 4.94
CA ILE A 82 3.36 -13.42 4.91
C ILE A 82 2.51 -14.67 4.62
N PHE A 83 3.09 -15.64 3.90
CA PHE A 83 2.38 -16.86 3.55
C PHE A 83 2.97 -18.13 4.17
N THR A 84 4.17 -18.04 4.77
CA THR A 84 4.75 -19.20 5.47
C THR A 84 4.77 -18.99 6.97
N GLN A 85 4.91 -20.08 7.71
CA GLN A 85 4.94 -19.97 9.17
C GLN A 85 6.17 -19.19 9.62
N ALA A 86 7.29 -19.40 8.95
CA ALA A 86 8.52 -18.70 9.28
C ALA A 86 8.34 -17.21 9.07
N GLN A 87 7.64 -16.83 8.01
CA GLN A 87 7.40 -15.41 7.76
C GLN A 87 6.50 -14.82 8.85
N ILE A 88 5.49 -15.57 9.25
CA ILE A 88 4.61 -15.15 10.35
C ILE A 88 5.42 -14.90 11.62
N ALA A 89 6.34 -15.81 11.93
CA ALA A 89 7.16 -15.67 13.13
C ALA A 89 8.10 -14.46 13.06
N GLY A 90 8.66 -14.20 11.89
CA GLY A 90 9.52 -13.05 11.70
C GLY A 90 8.74 -11.76 11.87
N TRP A 91 7.56 -11.70 11.27
CA TRP A 91 6.70 -10.53 11.43
C TRP A 91 6.24 -10.35 12.87
N ARG A 92 6.03 -11.45 13.60
CA ARG A 92 5.62 -11.33 15.00
C ARG A 92 6.70 -10.61 15.81
N LYS A 93 7.96 -10.82 15.48
CA LYS A 93 9.04 -10.08 16.14
C LYS A 93 8.89 -8.59 15.86
N VAL A 94 8.57 -8.23 14.63
CA VAL A 94 8.40 -6.83 14.25
C VAL A 94 7.24 -6.20 15.03
N THR A 95 6.08 -6.83 15.00
CA THR A 95 4.90 -6.24 15.61
C THR A 95 5.07 -6.18 17.13
N ASP A 96 5.64 -7.21 17.72
CA ASP A 96 5.89 -7.20 19.16
C ASP A 96 6.79 -6.01 19.52
N ALA A 97 7.83 -5.78 18.71
CA ALA A 97 8.76 -4.69 18.99
C ALA A 97 8.09 -3.31 18.84
N VAL A 98 7.31 -3.13 17.79
CA VAL A 98 6.57 -1.89 17.61
C VAL A 98 5.62 -1.64 18.78
N HIS A 99 4.87 -2.67 19.18
CA HIS A 99 3.91 -2.51 20.27
C HIS A 99 4.63 -2.20 21.58
N ALA A 100 5.74 -2.88 21.82
CA ALA A 100 6.52 -2.66 23.04
C ALA A 100 7.01 -1.24 23.11
N ASN A 101 7.22 -0.63 21.95
CA ASN A 101 7.69 0.74 21.87
C ASN A 101 6.57 1.76 21.82
N GLY A 102 5.34 1.30 22.04
CA GLY A 102 4.19 2.18 22.11
C GLY A 102 3.57 2.54 20.76
N GLY A 103 3.87 1.75 19.73
CA GLY A 103 3.33 1.99 18.41
C GLY A 103 2.23 1.05 17.95
N LYS A 104 1.79 1.28 16.72
CA LYS A 104 0.83 0.41 16.06
C LYS A 104 1.30 0.20 14.62
N ILE A 105 0.90 -0.92 14.03
CA ILE A 105 1.39 -1.25 12.70
C ILE A 105 0.38 -2.09 11.93
N PHE A 106 0.16 -1.70 10.67
CA PHE A 106 -0.58 -2.49 9.70
C PHE A 106 0.41 -3.06 8.70
N VAL A 107 0.12 -4.26 8.20
CA VAL A 107 0.89 -4.79 7.08
C VAL A 107 0.25 -4.33 5.78
N GLN A 108 1.07 -4.05 4.77
CA GLN A 108 0.53 -3.79 3.45
C GLN A 108 0.59 -5.08 2.62
N LEU A 109 -0.59 -5.60 2.23
CA LEU A 109 -0.66 -6.87 1.50
C LEU A 109 -0.59 -6.67 -0.02
N TRP A 110 0.32 -7.40 -0.63
CA TRP A 110 0.77 -7.11 -1.99
C TRP A 110 0.67 -8.28 -2.93
N HIS A 111 0.13 -8.02 -4.12
CA HIS A 111 0.40 -8.87 -5.27
C HIS A 111 0.75 -7.92 -6.41
N THR A 112 1.83 -8.21 -7.12
CA THR A 112 2.35 -7.29 -8.13
C THR A 112 1.71 -7.46 -9.52
N GLY A 113 1.06 -8.58 -9.75
CA GLY A 113 0.36 -8.80 -10.99
C GLY A 113 1.39 -8.84 -12.11
N ARG A 114 1.15 -8.04 -13.15
CA ARG A 114 2.04 -8.04 -14.32
C ARG A 114 3.44 -7.48 -14.05
N VAL A 115 3.67 -6.98 -12.85
CA VAL A 115 4.96 -6.39 -12.47
C VAL A 115 5.81 -7.40 -11.66
N ALA A 116 5.30 -8.63 -11.52
CA ALA A 116 6.09 -9.72 -10.93
C ALA A 116 7.15 -10.12 -11.94
N HIS A 117 8.14 -10.89 -11.50
CA HIS A 117 9.11 -11.41 -12.43
C HIS A 117 9.44 -12.88 -12.11
N PRO A 118 9.36 -13.77 -13.11
CA PRO A 118 9.52 -15.20 -12.89
CA PRO A 118 9.52 -15.20 -12.89
C PRO A 118 10.88 -15.62 -12.32
N HIS A 119 11.91 -14.80 -12.51
CA HIS A 119 13.20 -15.03 -11.85
C HIS A 119 13.02 -15.32 -10.36
N PHE A 120 12.07 -14.64 -9.72
CA PHE A 120 11.90 -14.75 -8.28
C PHE A 120 11.11 -15.99 -7.82
N PHE A 121 10.38 -16.62 -8.73
CA PHE A 121 9.52 -17.73 -8.33
C PHE A 121 9.57 -18.91 -9.30
N GLY A 122 10.78 -19.26 -9.72
CA GLY A 122 11.01 -20.52 -10.40
C GLY A 122 10.47 -20.61 -11.82
N GLY A 123 10.33 -19.46 -12.48
CA GLY A 123 9.97 -19.44 -13.89
C GLY A 123 8.50 -19.60 -14.17
N GLY A 124 7.67 -19.44 -13.15
CA GLY A 124 6.22 -19.58 -13.31
C GLY A 124 5.60 -18.44 -14.11
N ASP A 125 4.30 -18.54 -14.31
CA ASP A 125 3.55 -17.51 -15.04
C ASP A 125 3.38 -16.25 -14.21
N VAL A 126 3.57 -15.12 -14.88
CA VAL A 126 3.18 -13.83 -14.34
C VAL A 126 1.68 -13.66 -14.62
N LEU A 127 0.93 -13.21 -13.63
CA LEU A 127 -0.53 -13.12 -13.71
C LEU A 127 -1.02 -11.68 -13.75
N ALA A 128 -2.07 -11.42 -14.53
CA ALA A 128 -2.67 -10.09 -14.59
C ALA A 128 -4.06 -10.17 -15.18
N PRO A 129 -4.82 -9.07 -15.14
CA PRO A 129 -6.15 -9.12 -15.76
C PRO A 129 -6.08 -9.45 -17.25
N SER A 130 -5.05 -8.96 -17.95
CA SER A 130 -4.96 -9.15 -19.39
C SER A 130 -3.49 -9.32 -19.78
N ALA A 131 -3.26 -9.92 -20.95
CA ALA A 131 -1.92 -10.16 -21.46
C ALA A 131 -1.31 -8.89 -22.05
N GLN A 132 -1.10 -7.91 -21.18
CA GLN A 132 -0.56 -6.61 -21.55
C GLN A 132 0.71 -6.38 -20.76
N LYS A 133 1.84 -6.51 -21.43
CA LYS A 133 3.15 -6.40 -20.80
C LYS A 133 3.53 -4.96 -20.51
N ILE A 134 4.21 -4.71 -19.39
CA ILE A 134 4.76 -3.38 -19.16
C ILE A 134 6.13 -3.28 -19.83
N GLU A 135 6.59 -2.05 -20.01
CA GLU A 135 7.90 -1.80 -20.61
C GLU A 135 9.03 -2.01 -19.61
N GLY A 136 10.16 -2.46 -20.11
CA GLY A 136 11.39 -2.39 -19.34
C GLY A 136 11.75 -3.62 -18.56
N SER A 137 12.45 -3.38 -17.46
CA SER A 137 13.01 -4.46 -16.65
CA SER A 137 13.00 -4.46 -16.64
C SER A 137 12.97 -4.09 -15.17
N VAL A 138 13.13 -5.09 -14.32
CA VAL A 138 13.10 -4.88 -12.88
C VAL A 138 14.21 -3.92 -12.48
N PRO A 139 13.88 -2.87 -11.71
CA PRO A 139 14.93 -1.94 -11.27
C PRO A 139 15.98 -2.59 -10.36
N ARG A 140 17.23 -2.13 -10.47
CA ARG A 140 18.32 -2.55 -9.58
C ARG A 140 18.61 -4.04 -9.67
N MET A 141 18.30 -4.62 -10.83
CA MET A 141 18.62 -6.01 -11.10
C MET A 141 19.24 -6.11 -12.48
N ARG A 142 20.01 -7.17 -12.69
CA ARG A 142 20.66 -7.41 -13.97
C ARG A 142 19.69 -8.06 -14.95
N GLU A 143 19.23 -7.28 -15.93
CA GLU A 143 18.53 -7.81 -17.11
C GLU A 143 17.34 -8.74 -16.85
N LEU A 144 16.45 -8.34 -15.95
CA LEU A 144 15.21 -9.08 -15.73
C LEU A 144 14.11 -8.34 -16.47
N THR A 145 13.98 -8.62 -17.76
N THR A 145 13.97 -8.64 -17.75
CA THR A 145 12.97 -7.95 -18.57
CA THR A 145 12.98 -7.98 -18.60
C THR A 145 11.58 -8.43 -18.19
C THR A 145 11.56 -8.44 -18.24
N TYR A 146 10.64 -7.49 -18.13
CA TYR A 146 9.27 -7.83 -17.81
C TYR A 146 8.71 -8.68 -18.94
N VAL A 147 7.79 -9.57 -18.59
CA VAL A 147 7.25 -10.53 -19.54
C VAL A 147 5.75 -10.32 -19.76
N THR A 148 5.24 -10.88 -20.86
CA THR A 148 3.82 -10.79 -21.12
C THR A 148 3.10 -11.67 -20.11
N PRO A 149 2.16 -11.09 -19.36
CA PRO A 149 1.43 -11.87 -18.35
C PRO A 149 0.43 -12.82 -18.98
N LYS A 150 0.06 -13.86 -18.23
CA LYS A 150 -1.12 -14.64 -18.57
C LYS A 150 -2.35 -13.94 -18.02
N ALA A 151 -3.38 -13.78 -18.86
CA ALA A 151 -4.63 -13.25 -18.36
C ALA A 151 -5.25 -14.28 -17.42
N VAL A 152 -5.51 -13.86 -16.18
CA VAL A 152 -6.01 -14.81 -15.18
C VAL A 152 -7.36 -15.35 -15.59
N THR A 153 -7.61 -16.61 -15.26
CA THR A 153 -8.93 -17.17 -15.40
C THR A 153 -9.75 -16.84 -14.14
N VAL A 154 -11.05 -17.06 -14.20
CA VAL A 154 -11.91 -16.84 -13.05
CA VAL A 154 -11.90 -16.84 -13.06
C VAL A 154 -11.49 -17.75 -11.89
N GLU A 155 -10.99 -18.95 -12.21
CA GLU A 155 -10.49 -19.83 -11.18
C GLU A 155 -9.20 -19.26 -10.54
N ASP A 156 -8.32 -18.69 -11.36
CA ASP A 156 -7.14 -18.00 -10.82
C ASP A 156 -7.59 -16.91 -9.86
N ILE A 157 -8.59 -16.14 -10.27
CA ILE A 157 -9.10 -15.05 -9.46
C ILE A 157 -9.63 -15.56 -8.11
N GLN A 158 -10.40 -16.64 -8.13
CA GLN A 158 -10.87 -17.22 -6.89
C GLN A 158 -9.72 -17.60 -5.96
N GLY A 159 -8.65 -18.17 -6.51
CA GLY A 159 -7.50 -18.53 -5.70
C GLY A 159 -6.79 -17.30 -5.15
N LEU A 160 -6.71 -16.24 -5.94
CA LEU A 160 -6.07 -14.99 -5.50
C LEU A 160 -6.85 -14.36 -4.35
N VAL A 161 -8.17 -14.34 -4.47
CA VAL A 161 -9.01 -13.82 -3.38
C VAL A 161 -8.79 -14.65 -2.10
N ARG A 162 -8.84 -15.96 -2.26
CA ARG A 162 -8.53 -16.88 -1.17
C ARG A 162 -7.19 -16.57 -0.52
N ASP A 163 -6.17 -16.30 -1.33
CA ASP A 163 -4.82 -16.12 -0.81
C ASP A 163 -4.64 -14.74 -0.16
N TYR A 164 -5.36 -13.73 -0.66
CA TYR A 164 -5.42 -12.45 0.06
C TYR A 164 -6.05 -12.66 1.45
N ALA A 165 -7.14 -13.40 1.50
CA ALA A 165 -7.84 -13.65 2.75
C ALA A 165 -6.97 -14.44 3.73
N LYS A 166 -6.27 -15.44 3.23
CA LYS A 166 -5.40 -16.25 4.08
C LYS A 166 -4.25 -15.41 4.61
N ALA A 167 -3.69 -14.57 3.75
CA ALA A 167 -2.63 -13.67 4.17
C ALA A 167 -3.13 -12.78 5.30
N ALA A 168 -4.36 -12.28 5.17
CA ALA A 168 -4.95 -11.44 6.20
C ALA A 168 -5.09 -12.19 7.52
N GLU A 169 -5.55 -13.44 7.47
CA GLU A 169 -5.59 -14.29 8.67
C GLU A 169 -4.21 -14.40 9.30
N ASN A 170 -3.19 -14.63 8.48
CA ASN A 170 -1.81 -14.75 8.94
C ASN A 170 -1.33 -13.45 9.60
N VAL A 171 -1.78 -12.32 9.08
CA VAL A 171 -1.37 -11.02 9.60
C VAL A 171 -1.83 -10.91 11.05
N ILE A 172 -3.04 -11.37 11.33
CA ILE A 172 -3.57 -11.33 12.68
C ILE A 172 -2.78 -12.28 13.59
N GLU A 173 -2.39 -13.44 13.06
CA GLU A 173 -1.54 -14.36 13.80
C GLU A 173 -0.17 -13.74 14.12
N ALA A 174 0.32 -12.94 13.19
CA ALA A 174 1.62 -12.27 13.34
C ALA A 174 1.53 -11.03 14.24
N GLY A 175 0.34 -10.74 14.75
CA GLY A 175 0.17 -9.68 15.73
C GLY A 175 0.04 -8.27 15.18
N PHE A 176 -0.19 -8.11 13.88
CA PHE A 176 -0.45 -6.79 13.32
C PHE A 176 -1.80 -6.25 13.82
N ASP A 177 -1.92 -4.93 13.87
CA ASP A 177 -3.17 -4.27 14.20
C ASP A 177 -4.17 -4.31 13.05
N GLY A 178 -3.68 -4.51 11.83
CA GLY A 178 -4.55 -4.60 10.68
C GLY A 178 -3.78 -4.73 9.39
N VAL A 179 -4.52 -4.57 8.30
CA VAL A 179 -4.03 -4.71 6.95
CA VAL A 179 -3.96 -4.67 6.97
C VAL A 179 -4.34 -3.48 6.12
N GLU A 180 -3.36 -3.00 5.35
CA GLU A 180 -3.66 -2.08 4.25
C GLU A 180 -3.56 -2.91 2.97
N ILE A 181 -4.66 -3.01 2.24
CA ILE A 181 -4.65 -3.74 0.98
C ILE A 181 -3.97 -2.87 -0.07
N HIS A 182 -2.96 -3.40 -0.76
CA HIS A 182 -2.26 -2.60 -1.76
C HIS A 182 -3.04 -2.58 -3.07
N GLY A 183 -3.93 -1.60 -3.18
CA GLY A 183 -4.73 -1.43 -4.38
C GLY A 183 -4.21 -0.32 -5.27
N ALA A 184 -2.94 0.04 -5.12
CA ALA A 184 -2.41 1.26 -5.70
C ALA A 184 -1.20 0.97 -6.59
N ASN A 185 -0.64 2.06 -7.13
CA ASN A 185 0.67 2.08 -7.79
C ASN A 185 0.86 1.03 -8.87
N GLY A 186 -0.21 0.67 -9.57
CA GLY A 186 -0.10 -0.19 -10.74
C GLY A 186 0.09 -1.68 -10.46
N TYR A 187 -0.11 -2.10 -9.21
CA TYR A 187 0.01 -3.51 -8.87
C TYR A 187 -1.33 -4.26 -9.12
N LEU A 188 -1.48 -5.49 -8.66
CA LEU A 188 -2.54 -6.35 -9.21
C LEU A 188 -3.93 -5.76 -9.13
N ILE A 189 -4.33 -5.26 -7.96
CA ILE A 189 -5.68 -4.75 -7.80
C ILE A 189 -5.86 -3.52 -8.67
N ASP A 190 -4.87 -2.63 -8.67
CA ASP A 190 -4.92 -1.44 -9.51
C ASP A 190 -5.01 -1.82 -11.00
N GLN A 191 -4.38 -2.92 -11.39
CA GLN A 191 -4.45 -3.39 -12.78
C GLN A 191 -5.87 -3.69 -13.24
N PHE A 192 -6.72 -4.18 -12.35
CA PHE A 192 -8.14 -4.39 -12.70
C PHE A 192 -8.91 -3.07 -12.86
N LEU A 193 -8.46 -2.01 -12.18
CA LEU A 193 -9.18 -0.74 -12.11
C LEU A 193 -8.88 0.23 -13.24
N HIS A 194 -7.88 -0.08 -14.07
CA HIS A 194 -7.47 0.79 -15.16
C HIS A 194 -7.57 0.10 -16.52
N HIS A 195 -7.97 0.86 -17.53
CA HIS A 195 -8.16 0.30 -18.86
C HIS A 195 -6.85 -0.13 -19.55
N ASP A 196 -5.73 0.53 -19.24
CA ASP A 196 -4.46 0.14 -19.86
C ASP A 196 -4.22 -1.35 -19.62
N SER A 197 -4.44 -1.79 -18.39
CA SER A 197 -4.10 -3.13 -17.97
C SER A 197 -5.27 -4.11 -18.03
N ASN A 198 -6.49 -3.60 -17.93
CA ASN A 198 -7.67 -4.45 -17.93
C ASN A 198 -8.47 -4.32 -19.22
N ARG A 199 -8.23 -5.27 -20.12
CA ARG A 199 -8.93 -5.34 -21.40
C ARG A 199 -9.91 -6.53 -21.41
N ARG A 200 -10.29 -7.02 -20.24
CA ARG A 200 -11.14 -8.20 -20.14
C ARG A 200 -12.55 -7.93 -20.65
N THR A 201 -13.22 -9.00 -21.09
CA THR A 201 -14.59 -8.91 -21.59
C THR A 201 -15.52 -9.83 -20.80
N ASP A 202 -15.03 -10.35 -19.67
CA ASP A 202 -15.89 -11.13 -18.78
C ASP A 202 -16.38 -10.28 -17.61
N GLU A 203 -16.83 -10.92 -16.54
CA GLU A 203 -17.44 -10.19 -15.43
C GLU A 203 -16.42 -9.36 -14.63
N TYR A 204 -15.14 -9.41 -15.02
CA TYR A 204 -14.11 -8.61 -14.35
C TYR A 204 -13.56 -7.48 -15.21
N GLY A 205 -14.19 -7.25 -16.36
CA GLY A 205 -13.79 -6.15 -17.22
C GLY A 205 -14.92 -5.43 -17.90
N GLY A 206 -14.59 -4.32 -18.53
CA GLY A 206 -15.52 -3.58 -19.36
C GLY A 206 -16.19 -2.40 -18.68
N THR A 207 -17.02 -2.71 -17.69
CA THR A 207 -17.85 -1.71 -17.04
C THR A 207 -17.24 -1.33 -15.70
N PRO A 208 -17.62 -0.16 -15.15
CA PRO A 208 -17.14 0.22 -13.82
C PRO A 208 -17.41 -0.86 -12.75
N VAL A 209 -18.62 -1.42 -12.73
CA VAL A 209 -18.95 -2.46 -11.76
CA VAL A 209 -18.94 -2.46 -11.75
C VAL A 209 -18.03 -3.67 -11.94
N ASN A 210 -17.80 -4.06 -13.19
CA ASN A 210 -16.97 -5.23 -13.46
C ASN A 210 -15.51 -4.99 -13.13
N MET A 211 -15.01 -3.82 -13.45
CA MET A 211 -13.60 -3.52 -13.24
C MET A 211 -13.31 -3.38 -11.75
N SER A 212 -14.32 -2.99 -10.98
CA SER A 212 -14.22 -2.84 -9.53
C SER A 212 -14.40 -4.16 -8.79
N ARG A 213 -14.87 -5.20 -9.49
CA ARG A 213 -15.30 -6.44 -8.86
C ARG A 213 -14.17 -7.11 -8.08
N PHE A 214 -12.98 -7.20 -8.67
CA PHE A 214 -11.87 -7.87 -8.00
C PHE A 214 -11.49 -7.14 -6.71
N ALA A 215 -11.33 -5.82 -6.80
CA ALA A 215 -11.00 -5.03 -5.63
C ALA A 215 -12.01 -5.26 -4.51
N LEU A 216 -13.29 -5.22 -4.84
CA LEU A 216 -14.34 -5.38 -3.84
C LEU A 216 -14.38 -6.81 -3.29
N GLU A 217 -14.12 -7.81 -4.12
CA GLU A 217 -14.08 -9.18 -3.63
CA GLU A 217 -14.05 -9.20 -3.65
C GLU A 217 -12.94 -9.37 -2.63
N VAL A 218 -11.78 -8.79 -2.91
CA VAL A 218 -10.64 -8.89 -2.00
C VAL A 218 -10.96 -8.16 -0.69
N VAL A 219 -11.44 -6.93 -0.79
CA VAL A 219 -11.83 -6.18 0.39
C VAL A 219 -12.84 -6.97 1.23
N ASP A 220 -13.88 -7.48 0.59
CA ASP A 220 -14.94 -8.18 1.32
C ASP A 220 -14.43 -9.48 1.95
N ALA A 221 -13.55 -10.20 1.26
CA ALA A 221 -13.03 -11.45 1.80
C ALA A 221 -12.17 -11.16 3.02
N ILE A 222 -11.38 -10.09 2.96
CA ILE A 222 -10.51 -9.74 4.07
C ILE A 222 -11.33 -9.25 5.27
N ILE A 223 -12.34 -8.42 5.03
CA ILE A 223 -13.23 -7.97 6.08
C ILE A 223 -13.88 -9.17 6.78
N ALA A 224 -14.27 -10.17 6.00
CA ALA A 224 -14.94 -11.36 6.54
C ALA A 224 -14.00 -12.16 7.44
N ARG A 225 -12.69 -12.00 7.24
CA ARG A 225 -11.71 -12.74 8.03
C ARG A 225 -11.29 -11.97 9.28
N ILE A 226 -11.01 -10.68 9.12
CA ILE A 226 -10.38 -9.91 10.20
C ILE A 226 -11.16 -8.67 10.68
N GLY A 227 -12.21 -8.29 9.96
CA GLY A 227 -13.05 -7.17 10.37
C GLY A 227 -12.70 -5.85 9.72
N HIS A 228 -13.74 -5.05 9.47
CA HIS A 228 -13.58 -3.78 8.77
C HIS A 228 -12.71 -2.78 9.52
N ASP A 229 -12.70 -2.84 10.84
CA ASP A 229 -11.90 -1.90 11.62
C ASP A 229 -10.40 -2.11 11.43
N ARG A 230 -10.03 -3.29 10.95
CA ARG A 230 -8.63 -3.63 10.77
C ARG A 230 -8.25 -3.71 9.29
N THR A 231 -9.09 -3.12 8.44
CA THR A 231 -8.88 -3.18 6.99
C THR A 231 -8.88 -1.78 6.39
N GLY A 232 -7.74 -1.39 5.80
CA GLY A 232 -7.64 -0.21 4.96
C GLY A 232 -7.28 -0.57 3.53
N LEU A 233 -7.31 0.43 2.65
CA LEU A 233 -7.04 0.19 1.23
C LEU A 233 -6.33 1.38 0.66
N ARG A 234 -5.23 1.11 -0.05
CA ARG A 234 -4.52 2.15 -0.79
C ARG A 234 -4.96 2.09 -2.25
N ILE A 235 -5.22 3.26 -2.83
CA ILE A 235 -5.65 3.35 -4.23
C ILE A 235 -4.92 4.44 -4.99
N SER A 236 -4.85 4.27 -6.31
CA SER A 236 -4.22 5.23 -7.22
C SER A 236 -5.16 5.55 -8.38
N PRO A 237 -6.10 6.47 -8.16
CA PRO A 237 -7.03 6.83 -9.25
C PRO A 237 -6.28 7.47 -10.41
N GLY A 238 -5.16 8.13 -10.12
CA GLY A 238 -4.33 8.71 -11.15
C GLY A 238 -3.24 7.74 -11.58
N ALA A 239 -3.18 7.46 -12.87
CA ALA A 239 -2.17 6.55 -13.38
C ALA A 239 -0.80 7.25 -13.43
N TYR A 240 0.22 6.59 -12.92
CA TYR A 240 1.55 7.20 -12.92
C TYR A 240 2.73 6.23 -12.81
N PHE A 241 2.51 5.05 -12.26
CA PHE A 241 3.58 4.07 -12.08
CA PHE A 241 3.55 4.06 -12.03
C PHE A 241 3.18 2.76 -12.73
N ASN A 242 3.95 2.36 -13.74
CA ASN A 242 3.68 1.17 -14.55
C ASN A 242 2.23 1.12 -15.03
N MET A 243 1.70 2.28 -15.38
CA MET A 243 0.31 2.36 -15.80
C MET A 243 0.13 3.53 -16.75
N ALA A 244 -0.30 3.22 -17.98
CA ALA A 244 -0.63 4.27 -18.94
C ALA A 244 -1.99 4.84 -18.57
N SER A 245 -2.17 6.13 -18.82
CA SER A 245 -3.44 6.78 -18.49
C SER A 245 -4.51 6.47 -19.52
N ASP A 246 -5.75 6.59 -19.09
CA ASP A 246 -6.90 6.39 -19.95
C ASP A 246 -8.00 7.27 -19.40
N SER A 247 -8.60 8.09 -20.27
CA SER A 247 -9.63 9.03 -19.84
C SER A 247 -10.88 8.34 -19.25
N ARG A 248 -11.02 7.05 -19.49
CA ARG A 248 -12.18 6.33 -19.01
C ARG A 248 -12.02 5.81 -17.58
N ASP A 249 -10.82 5.89 -17.03
CA ASP A 249 -10.57 5.33 -15.70
C ASP A 249 -11.33 6.05 -14.60
N ARG A 250 -11.56 7.34 -14.76
CA ARG A 250 -12.21 8.13 -13.74
C ARG A 250 -13.57 7.56 -13.38
N VAL A 251 -14.36 7.15 -14.37
CA VAL A 251 -15.69 6.62 -14.05
C VAL A 251 -15.66 5.31 -13.27
N VAL A 252 -14.55 4.56 -13.37
CA VAL A 252 -14.41 3.37 -12.55
C VAL A 252 -14.30 3.78 -11.09
N PHE A 253 -13.49 4.79 -10.81
CA PHE A 253 -13.33 5.25 -9.44
C PHE A 253 -14.56 5.99 -8.94
N ASP A 254 -15.29 6.65 -9.84
CA ASP A 254 -16.56 7.27 -9.46
C ASP A 254 -17.50 6.21 -8.88
N TYR A 255 -17.45 5.00 -9.44
CA TYR A 255 -18.25 3.89 -8.95
C TYR A 255 -17.65 3.25 -7.69
N LEU A 256 -16.36 3.00 -7.72
CA LEU A 256 -15.67 2.27 -6.65
C LEU A 256 -15.79 2.99 -5.31
N LEU A 257 -15.60 4.30 -5.29
CA LEU A 257 -15.49 5.01 -4.01
C LEU A 257 -16.76 4.92 -3.16
N PRO A 258 -17.94 5.20 -3.74
CA PRO A 258 -19.14 5.01 -2.91
C PRO A 258 -19.33 3.56 -2.44
N GLU A 259 -18.94 2.59 -3.26
CA GLU A 259 -19.01 1.19 -2.83
C GLU A 259 -18.08 0.94 -1.64
N LEU A 260 -16.89 1.53 -1.69
CA LEU A 260 -15.95 1.36 -0.59
C LEU A 260 -16.49 1.97 0.69
N GLU A 261 -17.20 3.08 0.57
CA GLU A 261 -17.74 3.75 1.74
CA GLU A 261 -17.79 3.77 1.70
C GLU A 261 -18.71 2.84 2.47
N LYS A 262 -19.42 1.99 1.74
CA LYS A 262 -20.36 1.04 2.35
C LYS A 262 -19.66 0.06 3.29
N ARG A 263 -18.37 -0.18 3.07
CA ARG A 263 -17.62 -1.14 3.88
C ARG A 263 -17.04 -0.55 5.17
N ASP A 264 -17.16 0.76 5.35
CA ASP A 264 -16.72 1.43 6.58
C ASP A 264 -15.31 0.98 6.95
N LEU A 265 -14.39 1.15 6.01
CA LEU A 265 -13.00 0.78 6.20
C LEU A 265 -12.32 1.64 7.25
N ALA A 266 -11.23 1.12 7.80
CA ALA A 266 -10.41 1.87 8.72
C ALA A 266 -9.91 3.15 8.05
N PHE A 267 -9.47 3.05 6.80
CA PHE A 267 -9.11 4.23 6.03
C PHE A 267 -8.95 3.85 4.57
N VAL A 268 -9.06 4.87 3.72
CA VAL A 268 -8.58 4.82 2.35
C VAL A 268 -7.35 5.72 2.31
N HIS A 269 -6.36 5.31 1.52
CA HIS A 269 -5.04 5.94 1.48
C HIS A 269 -4.71 6.16 0.01
N ILE A 270 -4.27 7.37 -0.33
CA ILE A 270 -3.85 7.70 -1.69
C ILE A 270 -2.46 7.15 -1.96
N GLY A 271 -2.27 6.60 -3.16
CA GLY A 271 -0.94 6.23 -3.62
C GLY A 271 -0.47 7.17 -4.71
N ILE A 272 0.45 8.07 -4.36
CA ILE A 272 1.03 9.06 -5.26
C ILE A 272 2.36 9.51 -4.65
N PHE A 273 3.25 10.13 -5.44
CA PHE A 273 4.53 10.62 -4.89
C PHE A 273 4.55 12.12 -4.65
N ASP A 274 3.80 12.88 -5.44
CA ASP A 274 3.65 14.32 -5.23
C ASP A 274 2.20 14.70 -5.43
N ASP A 275 1.48 14.88 -4.32
CA ASP A 275 0.05 15.14 -4.38
C ASP A 275 -0.27 16.57 -4.79
N SER A 276 0.77 17.38 -5.01
CA SER A 276 0.54 18.72 -5.55
C SER A 276 0.26 18.67 -7.05
N ILE A 277 0.51 17.51 -7.67
CA ILE A 277 0.27 17.31 -9.09
C ILE A 277 -1.23 17.21 -9.38
N GLU A 278 -1.68 17.96 -10.38
CA GLU A 278 -3.07 17.90 -10.81
C GLU A 278 -3.21 16.94 -11.99
N PHE A 279 -4.18 16.04 -11.90
CA PHE A 279 -4.47 15.10 -12.99
C PHE A 279 -5.63 15.61 -13.83
N ASP A 280 -5.41 15.77 -15.13
CA ASP A 280 -6.46 16.23 -16.03
C ASP A 280 -7.73 15.40 -15.84
N TYR A 281 -7.58 14.09 -15.94
CA TYR A 281 -8.70 13.16 -15.92
C TYR A 281 -9.45 13.16 -14.58
N LEU A 282 -8.79 13.59 -13.51
CA LEU A 282 -9.42 13.63 -12.19
C LEU A 282 -9.93 15.03 -11.86
N GLY A 283 -9.63 16.00 -12.73
CA GLY A 283 -10.05 17.37 -12.50
C GLY A 283 -9.35 18.04 -11.33
N GLY A 284 -8.12 17.61 -11.03
CA GLY A 284 -7.36 18.17 -9.93
C GLY A 284 -6.44 17.14 -9.31
N THR A 285 -6.00 17.40 -8.08
CA THR A 285 -5.11 16.47 -7.38
C THR A 285 -5.84 15.18 -7.03
N ALA A 286 -5.07 14.12 -6.85
CA ALA A 286 -5.63 12.81 -6.50
C ALA A 286 -6.40 12.88 -5.18
N SER A 287 -5.83 13.51 -4.16
CA SER A 287 -6.51 13.56 -2.87
C SER A 287 -7.82 14.34 -2.97
N SER A 288 -7.82 15.45 -3.69
CA SER A 288 -9.05 16.26 -3.79
C SER A 288 -10.13 15.50 -4.55
N TYR A 289 -9.75 14.75 -5.57
CA TYR A 289 -10.72 13.91 -6.27
C TYR A 289 -11.35 12.89 -5.33
N VAL A 290 -10.52 12.18 -4.55
CA VAL A 290 -11.06 11.19 -3.64
C VAL A 290 -11.93 11.84 -2.56
N ARG A 291 -11.44 12.94 -1.99
CA ARG A 291 -12.19 13.65 -0.95
C ARG A 291 -13.57 14.09 -1.43
N ALA A 292 -13.69 14.37 -2.73
CA ALA A 292 -14.95 14.82 -3.31
C ALA A 292 -15.93 13.67 -3.53
N HIS A 293 -15.43 12.43 -3.53
CA HIS A 293 -16.26 11.26 -3.82
C HIS A 293 -16.28 10.23 -2.67
N TYR A 294 -15.64 10.55 -1.56
CA TYR A 294 -15.49 9.58 -0.47
C TYR A 294 -15.47 10.36 0.83
N GLY A 295 -16.35 9.99 1.77
CA GLY A 295 -16.60 10.81 2.93
C GLY A 295 -16.05 10.32 4.26
N LYS A 296 -15.22 9.29 4.22
CA LYS A 296 -14.68 8.71 5.45
C LYS A 296 -13.17 8.95 5.53
N THR A 297 -12.55 8.42 6.57
CA THR A 297 -11.15 8.72 6.85
C THR A 297 -10.27 8.53 5.62
N LEU A 298 -9.52 9.57 5.30
CA LEU A 298 -8.62 9.59 4.17
C LEU A 298 -7.19 9.91 4.60
N VAL A 299 -6.25 9.12 4.12
CA VAL A 299 -4.84 9.33 4.34
C VAL A 299 -4.23 9.99 3.11
N GLY A 300 -3.70 11.20 3.29
CA GLY A 300 -3.00 11.89 2.23
C GLY A 300 -1.52 11.54 2.28
N VAL A 301 -0.82 11.77 1.17
CA VAL A 301 0.60 11.44 1.05
C VAL A 301 1.16 12.12 -0.20
N GLY A 302 2.48 12.32 -0.22
CA GLY A 302 3.16 12.69 -1.44
C GLY A 302 3.74 14.08 -1.42
N SER A 303 4.98 14.19 -0.96
CA SER A 303 5.74 15.43 -1.01
C SER A 303 5.22 16.50 -0.05
N TYR A 304 4.53 16.08 1.00
CA TYR A 304 4.08 16.99 2.05
C TYR A 304 5.15 17.22 3.10
N SER A 305 5.32 18.48 3.48
CA SER A 305 6.06 18.78 4.70
C SER A 305 5.08 18.69 5.85
N ALA A 306 5.60 18.70 7.08
CA ALA A 306 4.70 18.72 8.24
C ALA A 306 3.79 19.95 8.16
N GLU A 307 4.35 21.06 7.70
CA GLU A 307 3.61 22.31 7.61
C GLU A 307 2.47 22.24 6.59
N THR A 308 2.74 21.73 5.39
CA THR A 308 1.70 21.70 4.36
C THR A 308 0.65 20.63 4.68
N ALA A 309 1.07 19.54 5.32
CA ALA A 309 0.15 18.50 5.75
C ALA A 309 -0.79 19.02 6.81
N SER A 310 -0.22 19.74 7.78
CA SER A 310 -1.00 20.34 8.85
C SER A 310 -2.08 21.26 8.30
N LYS A 311 -1.69 22.10 7.33
CA LYS A 311 -2.64 23.02 6.69
C LYS A 311 -3.73 22.25 5.94
N ALA A 312 -3.32 21.24 5.17
CA ALA A 312 -4.27 20.43 4.41
C ALA A 312 -5.31 19.81 5.33
N ILE A 313 -4.84 19.24 6.43
CA ILE A 313 -5.73 18.62 7.39
C ILE A 313 -6.65 19.67 8.02
N ALA A 314 -6.10 20.84 8.33
CA ALA A 314 -6.90 21.92 8.89
C ALA A 314 -7.99 22.35 7.90
N GLU A 315 -7.66 22.30 6.61
CA GLU A 315 -8.60 22.68 5.55
C GLU A 315 -9.50 21.54 5.11
N ASP A 316 -9.46 20.42 5.82
CA ASP A 316 -10.39 19.31 5.58
C ASP A 316 -10.13 18.63 4.22
N LYS A 317 -8.88 18.61 3.78
CA LYS A 317 -8.50 17.96 2.52
C LYS A 317 -8.36 16.47 2.72
N PHE A 318 -7.90 16.11 3.91
CA PHE A 318 -7.77 14.71 4.34
C PHE A 318 -7.52 14.71 5.84
N ASP A 319 -7.41 13.53 6.44
CA ASP A 319 -7.47 13.40 7.89
C ASP A 319 -6.15 12.98 8.53
N LEU A 320 -5.39 12.18 7.80
CA LEU A 320 -4.14 11.62 8.31
C LEU A 320 -3.08 11.85 7.26
N ILE A 321 -1.83 12.01 7.68
CA ILE A 321 -0.74 12.22 6.74
C ILE A 321 0.27 11.10 6.84
N ALA A 322 0.48 10.41 5.71
CA ALA A 322 1.56 9.44 5.59
C ALA A 322 2.80 10.16 5.11
N ILE A 323 3.93 9.80 5.72
CA ILE A 323 5.22 10.39 5.42
C ILE A 323 6.16 9.27 5.02
N GLY A 324 6.75 9.39 3.83
CA GLY A 324 7.60 8.33 3.30
C GLY A 324 9.08 8.64 3.36
N ARG A 325 9.57 9.31 2.32
CA ARG A 325 10.99 9.58 2.22
C ARG A 325 11.56 10.31 3.45
N PRO A 326 10.82 11.26 4.03
CA PRO A 326 11.41 11.90 5.23
C PRO A 326 11.58 10.95 6.41
N PHE A 327 10.80 9.87 6.46
CA PHE A 327 10.93 8.87 7.52
C PHE A 327 12.12 7.96 7.27
N ILE A 328 12.59 7.89 6.02
CA ILE A 328 13.80 7.16 5.71
C ILE A 328 15.00 8.02 6.16
N ALA A 329 14.95 9.31 5.86
CA ALA A 329 16.06 10.21 6.16
C ALA A 329 16.13 10.56 7.65
N ASN A 330 14.99 10.50 8.31
CA ASN A 330 14.87 10.86 9.73
C ASN A 330 14.08 9.82 10.51
N PRO A 331 14.76 8.83 11.11
CA PRO A 331 14.03 7.85 11.91
C PRO A 331 13.23 8.52 13.02
N ASP A 332 13.77 9.64 13.52
CA ASP A 332 13.16 10.40 14.58
C ASP A 332 12.29 11.54 14.05
N TYR A 333 11.71 11.32 12.87
CA TYR A 333 10.87 12.32 12.22
C TYR A 333 9.86 12.95 13.17
N VAL A 334 9.12 12.12 13.91
CA VAL A 334 8.01 12.62 14.72
C VAL A 334 8.53 13.54 15.82
N ALA A 335 9.60 13.13 16.49
CA ALA A 335 10.19 13.91 17.56
C ALA A 335 10.74 15.23 17.04
N LYS A 336 11.39 15.20 15.89
CA LYS A 336 11.97 16.41 15.32
CA LYS A 336 11.97 16.41 15.30
C LYS A 336 10.88 17.40 14.90
N VAL A 337 9.78 16.88 14.37
CA VAL A 337 8.66 17.74 14.01
C VAL A 337 8.03 18.34 15.27
N ARG A 338 7.88 17.50 16.29
CA ARG A 338 7.31 17.94 17.56
C ARG A 338 8.16 19.06 18.18
N ASN A 339 9.47 18.95 18.03
CA ASN A 339 10.40 19.90 18.65
C ASN A 339 11.00 20.91 17.66
N SER A 340 10.41 21.03 16.48
CA SER A 340 10.86 21.98 15.48
C SER A 340 12.37 21.89 15.25
N GLU A 341 12.88 20.67 15.09
CA GLU A 341 14.29 20.47 14.77
C GLU A 341 14.47 20.34 13.27
N GLU A 342 15.70 20.54 12.79
CA GLU A 342 16.00 20.47 11.37
C GLU A 342 15.89 19.04 10.85
N LEU A 343 15.12 18.87 9.78
CA LEU A 343 14.99 17.57 9.12
C LEU A 343 15.99 17.44 7.99
N VAL A 344 16.61 16.27 7.89
CA VAL A 344 17.49 15.95 6.78
C VAL A 344 16.69 15.59 5.54
N ALA A 345 17.08 16.14 4.39
CA ALA A 345 16.42 15.84 3.12
C ALA A 345 16.76 14.43 2.67
N TYR A 346 15.77 13.74 2.13
CA TYR A 346 16.00 12.40 1.60
C TYR A 346 16.83 12.42 0.33
N SER A 347 17.67 11.41 0.20
CA SER A 347 18.42 11.15 -1.02
CA SER A 347 18.39 11.16 -1.03
C SER A 347 18.37 9.67 -1.33
N ASP A 348 18.26 9.34 -2.61
CA ASP A 348 18.21 7.95 -3.06
C ASP A 348 19.35 7.12 -2.49
N GLU A 349 20.46 7.79 -2.22
CA GLU A 349 21.65 7.16 -1.62
CA GLU A 349 21.64 7.13 -1.65
C GLU A 349 21.30 6.42 -0.34
N MET A 350 20.31 6.96 0.38
CA MET A 350 19.95 6.44 1.70
C MET A 350 19.30 5.06 1.68
N LEU A 351 18.87 4.61 0.51
CA LEU A 351 18.21 3.30 0.42
C LEU A 351 19.17 2.16 0.63
N ALA A 352 20.46 2.39 0.41
CA ALA A 352 21.46 1.35 0.60
C ALA A 352 21.55 0.93 2.06
N SER A 353 21.12 1.81 2.95
CA SER A 353 21.24 1.60 4.39
C SER A 353 19.87 1.45 5.04
N LEU A 354 19.78 0.51 5.98
CA LEU A 354 18.55 0.32 6.73
C LEU A 354 18.72 0.83 8.15
N ILE A 355 18.42 2.11 8.33
CA ILE A 355 18.51 2.77 9.61
C ILE A 355 17.18 3.42 9.89
C9A FNR B . 7.62 3.79 -1.89
N10 FNR B . 6.24 3.82 -1.96
CAA FNR B . 5.54 2.64 -1.76
N1 FNR B . 4.16 2.68 -1.75
C2 FNR B . 3.45 1.54 -1.46
O2 FNR B . 2.22 1.57 -1.47
N3 FNR B . 4.11 0.41 -1.08
C4 FNR B . 5.49 0.33 -1.15
O4 FNR B . 6.03 -0.71 -0.78
C4A FNR B . 6.21 1.46 -1.50
N5 FNR B . 7.57 1.40 -1.74
C5A FNR B . 8.28 2.58 -1.72
C6 FNR B . 9.67 2.54 -1.66
C7 FNR B . 10.40 3.72 -1.74
C7M FNR B . 11.91 3.68 -1.61
C8 FNR B . 9.74 4.93 -1.92
C8M FNR B . 10.50 6.23 -1.98
C9 FNR B . 8.35 4.97 -2.01
C1' FNR B . 5.48 5.11 -2.06
C2' FNR B . 5.37 5.78 -0.69
O2' FNR B . 4.50 5.05 0.16
C3' FNR B . 4.85 7.22 -0.80
O3' FNR B . 3.60 7.18 -1.45
C4' FNR B . 5.81 8.12 -1.56
O4' FNR B . 7.13 7.90 -1.11
C5' FNR B . 5.45 9.61 -1.45
O5' FNR B . 5.45 10.05 -0.12
P FNR B . 6.68 10.97 0.43
O1P FNR B . 7.92 10.14 0.34
O2P FNR B . 6.79 12.19 -0.46
O3P FNR B . 6.36 11.34 1.85
C1 8K6 C . 8.57 2.72 -5.85
C2 8K6 C . 9.75 2.81 -4.96
C3 8K6 C . 10.75 3.88 -5.29
C4 8K6 C . 10.77 4.21 -6.73
C5 8K6 C . 11.71 5.25 -7.26
C6 8K6 C . 11.34 5.68 -8.66
C7 8K6 C . 10.08 6.47 -8.77
C8 8K6 C . 8.70 5.87 -8.84
C9 8K6 C . 7.58 6.89 -8.76
C10 8K6 C . 7.48 7.86 -9.94
C11 8K6 C . 6.82 9.20 -9.68
C12 8K6 C . 6.52 10.04 -10.89
C13 8K6 C . 5.98 9.27 -12.08
C14 8K6 C . 5.61 10.02 -13.33
C15 8K6 C . 4.14 10.21 -13.55
C16 8K6 C . 3.57 10.44 -14.92
C17 8K6 C . 2.10 10.72 -14.96
C18 8K6 C . 1.56 11.76 -14.00
#